data_3P8P
#
_entry.id   3P8P
#
_cell.length_a   47.226
_cell.length_b   79.632
_cell.length_c   73.608
_cell.angle_alpha   90.000
_cell.angle_beta   89.630
_cell.angle_gamma   90.000
#
_symmetry.space_group_name_H-M   'P 1 21 1'
#
loop_
_entity.id
_entity.type
_entity.pdbx_description
1 polymer 'N(G),N(G)-dimethylarginine dimethylaminohydrolase 1'
2 non-polymer N~5~-[(1E)-pentanimidoyl]-L-ornithine
3 water water
#
_entity_poly.entity_id   1
_entity_poly.type   'polypeptide(L)'
_entity_poly.pdbx_seq_one_letter_code
;MGSSHHHHHHSSGLVPRGSHMASMAGLGHPAAFGRATHAVVRALPESLGQHALRSAKGEEVDVARAERQHQLYVGVLGSK
LGLQVVELPADESLPDCVFVEDVAVVCEETALITRPGAPSRRKEVDMMKEALEKLQLNIVEMKDENATLDGGDVLFTGRE
FFVGLSKRTNQRGAEILADTFKDYAVSTVPVADGLHLKSFCSMAGPNLIAIGSSESAQKALKIMQQMSDHRYDKLTVPDD
IAANCIYLNIPNKGHVLLHRTPEEYPESAKVYEKLKDHMLIPVSMSELEKVDGLLTSCSVLINKKVDS
;
_entity_poly.pdbx_strand_id   A,B
#
loop_
_chem_comp.id
_chem_comp.type
_chem_comp.name
_chem_comp.formula
LN6 non-polymer N~5~-[(1E)-pentanimidoyl]-L-ornithine 'C10 H21 N3 O2'
#
# COMPACT_ATOMS: atom_id res chain seq x y z
N ALA A 31 10.01 -25.27 -22.89
CA ALA A 31 9.68 -25.31 -21.43
C ALA A 31 10.91 -25.73 -20.59
N ALA A 32 11.73 -24.74 -20.23
CA ALA A 32 12.94 -24.96 -19.45
C ALA A 32 12.79 -24.65 -17.96
N PHE A 33 13.88 -24.71 -17.22
CA PHE A 33 13.79 -24.43 -15.78
C PHE A 33 13.26 -23.04 -15.51
N GLY A 34 12.30 -22.95 -14.61
CA GLY A 34 11.73 -21.65 -14.27
C GLY A 34 10.56 -21.25 -15.13
N ARG A 35 10.21 -22.09 -16.10
CA ARG A 35 9.09 -21.78 -16.97
C ARG A 35 7.80 -22.04 -16.23
N ALA A 36 6.85 -21.13 -16.36
CA ALA A 36 5.58 -21.28 -15.69
C ALA A 36 4.49 -20.70 -16.59
N THR A 37 3.25 -21.05 -16.30
CA THR A 37 2.12 -20.54 -17.04
C THR A 37 1.14 -19.99 -16.03
N HIS A 38 1.22 -20.51 -14.83
CA HIS A 38 0.32 -20.10 -13.78
C HIS A 38 1.03 -19.78 -12.49
N ALA A 39 0.37 -18.99 -11.67
CA ALA A 39 0.91 -18.63 -10.40
C ALA A 39 -0.30 -18.54 -9.52
N VAL A 40 -0.20 -19.06 -8.30
CA VAL A 40 -1.30 -18.99 -7.35
C VAL A 40 -0.95 -17.94 -6.31
N VAL A 41 -1.87 -17.02 -6.10
CA VAL A 41 -1.68 -15.96 -5.13
C VAL A 41 -2.92 -15.94 -4.24
N ARG A 42 -2.88 -15.13 -3.20
CA ARG A 42 -4.01 -15.05 -2.30
C ARG A 42 -4.00 -13.68 -1.65
N ALA A 43 -5.16 -13.05 -1.63
CA ALA A 43 -5.28 -11.73 -1.03
C ALA A 43 -4.86 -11.82 0.44
N LEU A 44 -4.14 -10.79 0.90
CA LEU A 44 -3.71 -10.76 2.29
C LEU A 44 -4.88 -10.22 3.12
N PRO A 45 -5.15 -10.84 4.27
CA PRO A 45 -6.26 -10.38 5.13
C PRO A 45 -5.88 -9.14 5.93
N GLU A 46 -6.89 -8.40 6.35
CA GLU A 46 -6.71 -7.19 7.13
C GLU A 46 -6.06 -7.53 8.47
N SER A 47 -6.40 -8.71 8.99
CA SER A 47 -5.88 -9.19 10.26
C SER A 47 -4.38 -9.42 10.26
N LEU A 48 -3.78 -9.49 9.07
CA LEU A 48 -2.34 -9.71 8.98
C LEU A 48 -1.62 -8.58 9.71
N GLY A 49 -2.16 -7.38 9.58
CA GLY A 49 -1.56 -6.22 10.22
C GLY A 49 -1.13 -6.41 11.65
N GLN A 50 -1.97 -7.06 12.45
CA GLN A 50 -1.66 -7.27 13.86
C GLN A 50 -1.58 -8.72 14.36
N HIS A 51 -1.89 -9.69 13.50
CA HIS A 51 -1.86 -11.07 13.96
C HIS A 51 -0.97 -12.00 13.17
N ALA A 52 -0.46 -11.52 12.04
CA ALA A 52 0.42 -12.34 11.24
C ALA A 52 1.62 -12.65 12.08
N LEU A 53 2.00 -13.93 12.09
CA LEU A 53 3.13 -14.39 12.85
C LEU A 53 4.37 -13.65 12.33
N ARG A 54 5.22 -13.19 13.23
CA ARG A 54 6.42 -12.47 12.83
C ARG A 54 7.54 -12.79 13.80
N SER A 55 8.70 -13.14 13.27
CA SER A 55 9.84 -13.47 14.13
C SER A 55 10.32 -12.27 14.94
N ALA A 56 10.56 -11.14 14.28
CA ALA A 56 11.03 -9.95 14.98
C ALA A 56 9.95 -8.92 15.18
N LYS A 57 10.03 -8.20 16.30
CA LYS A 57 9.09 -7.14 16.61
C LYS A 57 9.65 -5.88 15.96
N GLY A 58 9.03 -5.45 14.87
CA GLY A 58 9.51 -4.27 14.18
C GLY A 58 8.51 -3.14 14.28
N GLU A 59 8.51 -2.26 13.28
CA GLU A 59 7.57 -1.16 13.30
C GLU A 59 6.20 -1.64 12.84
N GLU A 60 5.17 -0.86 13.13
CA GLU A 60 3.82 -1.24 12.75
C GLU A 60 3.67 -1.50 11.24
N VAL A 61 2.88 -2.53 10.93
CA VAL A 61 2.63 -2.90 9.55
C VAL A 61 1.55 -2.03 8.96
N ASP A 62 1.87 -1.34 7.88
CA ASP A 62 0.87 -0.51 7.24
C ASP A 62 0.17 -1.41 6.23
N VAL A 63 -0.94 -2.03 6.65
CA VAL A 63 -1.69 -2.95 5.80
C VAL A 63 -2.01 -2.39 4.43
N ALA A 64 -2.22 -1.08 4.37
CA ALA A 64 -2.53 -0.44 3.11
C ALA A 64 -1.37 -0.56 2.12
N ARG A 65 -0.16 -0.25 2.58
CA ARG A 65 1.01 -0.33 1.72
C ARG A 65 1.24 -1.76 1.28
N ALA A 66 0.91 -2.69 2.17
CA ALA A 66 1.07 -4.11 1.90
C ALA A 66 0.20 -4.50 0.72
N GLU A 67 -0.99 -3.90 0.64
CA GLU A 67 -1.90 -4.19 -0.44
C GLU A 67 -1.28 -3.67 -1.72
N ARG A 68 -0.86 -2.41 -1.67
CA ARG A 68 -0.20 -1.76 -2.80
C ARG A 68 0.97 -2.60 -3.30
N GLN A 69 1.80 -3.06 -2.36
CA GLN A 69 2.96 -3.85 -2.74
C GLN A 69 2.48 -5.17 -3.33
N HIS A 70 1.53 -5.81 -2.66
CA HIS A 70 1.03 -7.08 -3.14
C HIS A 70 0.34 -6.95 -4.46
N GLN A 71 -0.37 -5.84 -4.67
CA GLN A 71 -1.06 -5.60 -5.92
C GLN A 71 -0.04 -5.62 -7.05
N LEU A 72 1.01 -4.80 -6.93
CA LEU A 72 2.06 -4.72 -7.94
C LEU A 72 2.70 -6.09 -8.18
N TYR A 73 2.91 -6.83 -7.11
CA TYR A 73 3.51 -8.16 -7.18
C TYR A 73 2.71 -9.04 -8.14
N VAL A 74 1.40 -9.11 -7.95
CA VAL A 74 0.57 -9.93 -8.85
C VAL A 74 0.58 -9.30 -10.25
N GLY A 75 0.59 -7.96 -10.30
CA GLY A 75 0.61 -7.25 -11.56
C GLY A 75 1.78 -7.69 -12.41
N VAL A 76 2.95 -7.83 -11.78
CA VAL A 76 4.14 -8.28 -12.49
C VAL A 76 3.97 -9.70 -13.00
N LEU A 77 3.49 -10.60 -12.15
CA LEU A 77 3.29 -11.99 -12.57
C LEU A 77 2.26 -12.14 -13.70
N GLY A 78 1.11 -11.48 -13.56
CA GLY A 78 0.06 -11.59 -14.56
C GLY A 78 0.08 -10.58 -15.69
N SER A 79 -0.33 -9.36 -15.37
CA SER A 79 -0.37 -8.29 -16.38
C SER A 79 0.95 -8.15 -17.15
N LYS A 80 2.06 -8.11 -16.43
CA LYS A 80 3.35 -7.93 -17.08
C LYS A 80 4.03 -9.18 -17.66
N LEU A 81 3.90 -10.34 -17.01
CA LEU A 81 4.56 -11.53 -17.54
C LEU A 81 3.61 -12.52 -18.19
N GLY A 82 2.35 -12.16 -18.33
CA GLY A 82 1.39 -13.05 -18.96
C GLY A 82 1.02 -14.31 -18.21
N LEU A 83 1.64 -14.54 -17.05
CA LEU A 83 1.31 -15.72 -16.27
C LEU A 83 -0.15 -15.71 -15.90
N GLN A 84 -0.83 -16.82 -16.13
CA GLN A 84 -2.22 -16.90 -15.76
C GLN A 84 -2.19 -16.90 -14.24
N VAL A 85 -2.81 -15.89 -13.64
CA VAL A 85 -2.81 -15.82 -12.20
C VAL A 85 -4.13 -16.22 -11.56
N VAL A 86 -4.04 -17.06 -10.54
CA VAL A 86 -5.19 -17.49 -9.80
C VAL A 86 -5.13 -16.75 -8.48
N GLU A 87 -6.10 -15.85 -8.27
CA GLU A 87 -6.16 -15.01 -7.09
C GLU A 87 -7.07 -15.47 -5.96
N LEU A 88 -6.61 -16.42 -5.16
CA LEU A 88 -7.42 -16.92 -4.04
C LEU A 88 -7.88 -15.79 -3.12
N PRO A 89 -9.15 -15.85 -2.67
CA PRO A 89 -9.65 -14.79 -1.78
C PRO A 89 -9.02 -14.84 -0.40
N ALA A 90 -8.87 -13.67 0.23
CA ALA A 90 -8.27 -13.59 1.54
C ALA A 90 -9.22 -14.07 2.63
N ASP A 91 -8.66 -14.67 3.66
CA ASP A 91 -9.45 -15.12 4.77
C ASP A 91 -8.88 -14.42 6.00
N GLU A 92 -9.71 -13.58 6.62
CA GLU A 92 -9.31 -12.83 7.79
C GLU A 92 -8.78 -13.70 8.91
N SER A 93 -9.39 -14.87 9.12
CA SER A 93 -8.95 -15.76 10.18
C SER A 93 -7.57 -16.37 9.93
N LEU A 94 -7.10 -16.31 8.68
CA LEU A 94 -5.77 -16.84 8.33
C LEU A 94 -4.89 -15.66 7.95
N PRO A 95 -4.47 -14.88 8.96
CA PRO A 95 -3.63 -13.71 8.70
C PRO A 95 -2.40 -13.94 7.80
N ASP A 96 -2.02 -15.20 7.59
CA ASP A 96 -0.87 -15.51 6.74
C ASP A 96 -1.21 -16.16 5.38
N CYS A 97 -2.51 -16.25 5.06
CA CYS A 97 -2.95 -16.85 3.80
C CYS A 97 -2.26 -16.32 2.55
N VAL A 98 -1.70 -15.12 2.66
CA VAL A 98 -0.98 -14.46 1.58
C VAL A 98 0.35 -15.10 1.20
N PHE A 99 1.02 -15.74 2.15
CA PHE A 99 2.30 -16.37 1.82
C PHE A 99 2.08 -17.80 1.40
N VAL A 100 1.31 -17.94 0.34
CA VAL A 100 0.94 -19.23 -0.23
C VAL A 100 2.03 -20.26 -0.48
N GLU A 101 3.24 -19.80 -0.80
CA GLU A 101 4.31 -20.77 -1.05
C GLU A 101 4.59 -21.73 0.10
N ASP A 102 4.24 -21.37 1.33
CA ASP A 102 4.51 -22.27 2.44
C ASP A 102 3.57 -23.47 2.53
N VAL A 103 2.37 -23.34 1.99
CA VAL A 103 1.35 -24.39 2.02
C VAL A 103 1.43 -25.43 0.90
N ALA A 104 2.23 -25.16 -0.12
CA ALA A 104 2.31 -26.10 -1.22
C ALA A 104 3.56 -25.95 -2.06
N VAL A 105 3.99 -27.07 -2.63
CA VAL A 105 5.18 -27.11 -3.46
C VAL A 105 4.79 -27.89 -4.72
N VAL A 106 4.92 -27.26 -5.88
CA VAL A 106 4.57 -27.90 -7.14
C VAL A 106 5.79 -28.25 -7.97
N CYS A 107 5.91 -29.52 -8.33
CA CYS A 107 7.03 -29.97 -9.12
C CYS A 107 6.49 -30.61 -10.39
N GLU A 108 6.70 -29.93 -11.51
CA GLU A 108 6.22 -30.41 -12.80
C GLU A 108 4.70 -30.50 -12.77
N GLU A 109 4.17 -31.72 -12.74
CA GLU A 109 2.74 -31.94 -12.73
C GLU A 109 2.17 -32.33 -11.36
N THR A 110 3.04 -32.59 -10.40
CA THR A 110 2.62 -33.01 -9.07
C THR A 110 2.66 -31.91 -8.01
N ALA A 111 1.59 -31.81 -7.23
CA ALA A 111 1.52 -30.80 -6.18
C ALA A 111 1.54 -31.43 -4.80
N LEU A 112 2.36 -30.87 -3.91
CA LEU A 112 2.46 -31.37 -2.55
C LEU A 112 1.92 -30.32 -1.61
N ILE A 113 0.73 -30.55 -1.06
CA ILE A 113 0.16 -29.61 -0.11
C ILE A 113 0.91 -29.91 1.19
N THR A 114 1.47 -28.89 1.82
CA THR A 114 2.22 -29.15 3.03
C THR A 114 1.39 -29.03 4.29
N ARG A 115 2.05 -29.28 5.40
CA ARG A 115 1.49 -29.17 6.73
C ARG A 115 2.46 -28.15 7.31
N PRO A 116 2.08 -26.87 7.30
CA PRO A 116 2.88 -25.75 7.80
C PRO A 116 3.51 -25.97 9.17
N GLY A 117 4.72 -25.44 9.35
CA GLY A 117 5.40 -25.57 10.61
C GLY A 117 4.62 -24.87 11.71
N ALA A 118 3.85 -23.85 11.32
CA ALA A 118 3.03 -23.08 12.25
C ALA A 118 1.60 -23.65 12.29
N PRO A 119 1.06 -23.87 13.48
CA PRO A 119 -0.30 -24.42 13.61
C PRO A 119 -1.43 -23.50 13.15
N SER A 120 -1.35 -22.23 13.49
CA SER A 120 -2.38 -21.27 13.12
C SER A 120 -2.49 -21.07 11.59
N ARG A 121 -1.60 -21.73 10.85
CA ARG A 121 -1.60 -21.60 9.39
C ARG A 121 -2.11 -22.86 8.69
N ARG A 122 -2.40 -23.92 9.45
CA ARG A 122 -2.85 -25.20 8.89
C ARG A 122 -4.07 -25.17 7.99
N LYS A 123 -5.05 -24.31 8.29
CA LYS A 123 -6.27 -24.24 7.47
C LYS A 123 -6.12 -23.55 6.11
N GLU A 124 -4.90 -23.12 5.77
CA GLU A 124 -4.67 -22.46 4.48
C GLU A 124 -4.63 -23.52 3.39
N VAL A 125 -4.49 -24.78 3.80
CA VAL A 125 -4.44 -25.93 2.90
C VAL A 125 -5.75 -26.15 2.14
N ASP A 126 -6.85 -25.77 2.78
CA ASP A 126 -8.19 -25.92 2.23
C ASP A 126 -8.38 -25.23 0.89
N MET A 127 -8.27 -23.91 0.88
CA MET A 127 -8.47 -23.16 -0.35
C MET A 127 -7.36 -23.42 -1.36
N MET A 128 -6.22 -23.88 -0.88
CA MET A 128 -5.09 -24.18 -1.75
C MET A 128 -5.25 -25.53 -2.44
N LYS A 129 -5.71 -26.54 -1.70
CA LYS A 129 -5.94 -27.85 -2.30
C LYS A 129 -7.08 -27.66 -3.26
N GLU A 130 -8.00 -26.77 -2.90
CA GLU A 130 -9.16 -26.48 -3.74
C GLU A 130 -8.72 -25.91 -5.08
N ALA A 131 -7.81 -24.94 -5.03
CA ALA A 131 -7.31 -24.30 -6.25
C ALA A 131 -6.48 -25.22 -7.12
N LEU A 132 -5.55 -25.95 -6.52
CA LEU A 132 -4.72 -26.85 -7.30
C LEU A 132 -5.57 -27.95 -7.91
N GLU A 133 -6.62 -28.34 -7.20
CA GLU A 133 -7.52 -29.37 -7.71
C GLU A 133 -8.14 -28.86 -9.00
N LYS A 134 -8.66 -27.63 -8.96
CA LYS A 134 -9.29 -27.03 -10.12
C LYS A 134 -8.28 -26.90 -11.27
N LEU A 135 -7.00 -26.94 -10.94
CA LEU A 135 -5.97 -26.82 -11.96
C LEU A 135 -5.49 -28.16 -12.47
N GLN A 136 -6.23 -29.21 -12.13
CA GLN A 136 -5.92 -30.57 -12.59
C GLN A 136 -4.50 -31.06 -12.20
N LEU A 137 -4.02 -30.64 -11.03
CA LEU A 137 -2.70 -31.08 -10.59
C LEU A 137 -2.81 -32.31 -9.69
N ASN A 138 -1.87 -33.24 -9.83
CA ASN A 138 -1.86 -34.45 -9.01
C ASN A 138 -1.62 -34.02 -7.57
N ILE A 139 -2.63 -34.20 -6.74
CA ILE A 139 -2.49 -33.79 -5.35
C ILE A 139 -2.00 -34.89 -4.43
N VAL A 140 -1.07 -34.51 -3.57
CA VAL A 140 -0.51 -35.41 -2.57
C VAL A 140 -0.48 -34.58 -1.28
N GLU A 141 -1.40 -34.90 -0.35
CA GLU A 141 -1.50 -34.17 0.92
C GLU A 141 -0.59 -34.69 2.03
N MET A 142 0.02 -33.77 2.76
CA MET A 142 0.90 -34.13 3.87
C MET A 142 -0.02 -34.22 5.08
N LYS A 143 -0.27 -35.45 5.54
CA LYS A 143 -1.16 -35.68 6.67
C LYS A 143 -0.46 -36.00 7.99
N ASP A 144 0.61 -36.77 7.93
CA ASP A 144 1.38 -37.16 9.12
C ASP A 144 1.37 -36.11 10.25
N GLU A 145 0.80 -36.50 11.40
CA GLU A 145 0.69 -35.61 12.57
C GLU A 145 2.03 -35.21 13.19
N ASN A 146 3.13 -35.77 12.69
CA ASN A 146 4.45 -35.46 13.20
C ASN A 146 5.36 -34.90 12.12
N ALA A 147 4.78 -34.47 11.01
CA ALA A 147 5.58 -33.94 9.90
C ALA A 147 5.26 -32.50 9.54
N THR A 148 6.22 -31.62 9.74
CA THR A 148 6.02 -30.22 9.39
C THR A 148 6.95 -29.83 8.26
N LEU A 149 6.44 -29.03 7.33
CA LEU A 149 7.22 -28.55 6.19
C LEU A 149 6.65 -27.27 5.61
N ASP A 150 7.45 -26.21 5.66
CA ASP A 150 7.06 -24.94 5.09
C ASP A 150 7.76 -24.92 3.75
N GLY A 151 7.02 -24.56 2.71
CA GLY A 151 7.56 -24.51 1.36
C GLY A 151 8.76 -23.60 1.27
N GLY A 152 8.74 -22.55 2.10
CA GLY A 152 9.83 -21.58 2.15
C GLY A 152 11.18 -22.22 2.41
N ASP A 153 11.18 -23.39 3.06
CA ASP A 153 12.42 -24.09 3.33
C ASP A 153 12.81 -24.95 2.12
N VAL A 154 12.08 -24.87 1.02
CA VAL A 154 12.42 -25.72 -0.11
C VAL A 154 12.95 -25.07 -1.39
N LEU A 155 14.19 -25.43 -1.73
CA LEU A 155 14.87 -24.90 -2.91
C LEU A 155 14.92 -25.91 -4.06
N PHE A 156 14.03 -25.75 -5.03
CA PHE A 156 14.00 -26.64 -6.18
C PHE A 156 14.90 -26.09 -7.27
N THR A 157 16.15 -26.53 -7.29
CA THR A 157 17.13 -26.08 -8.25
C THR A 157 16.79 -26.45 -9.69
N GLY A 158 15.80 -27.32 -9.86
CA GLY A 158 15.41 -27.73 -11.20
C GLY A 158 16.16 -28.98 -11.62
N ARG A 159 16.92 -29.52 -10.67
CA ARG A 159 17.73 -30.72 -10.87
C ARG A 159 17.63 -31.55 -9.58
N GLU A 160 17.29 -30.90 -8.48
CA GLU A 160 17.16 -31.59 -7.20
C GLU A 160 16.47 -30.65 -6.22
N PHE A 161 16.24 -31.13 -5.02
CA PHE A 161 15.59 -30.32 -4.00
C PHE A 161 16.53 -30.12 -2.81
N PHE A 162 16.33 -29.01 -2.12
CA PHE A 162 17.07 -28.73 -0.91
C PHE A 162 16.08 -28.29 0.15
N VAL A 163 15.80 -29.18 1.09
CA VAL A 163 14.86 -28.84 2.14
C VAL A 163 15.64 -28.42 3.37
N GLY A 164 15.33 -27.23 3.86
CA GLY A 164 16.03 -26.77 5.03
C GLY A 164 15.33 -27.38 6.23
N LEU A 165 16.11 -27.96 7.14
CA LEU A 165 15.52 -28.51 8.35
C LEU A 165 15.55 -27.34 9.31
N SER A 166 14.37 -26.84 9.68
CA SER A 166 14.31 -25.68 10.55
C SER A 166 13.22 -25.75 11.62
N LYS A 167 12.87 -24.59 12.17
CA LYS A 167 11.84 -24.51 13.20
C LYS A 167 10.50 -24.86 12.56
N ARG A 168 10.46 -24.82 11.24
CA ARG A 168 9.25 -25.12 10.50
C ARG A 168 9.26 -26.47 9.81
N THR A 169 10.45 -26.99 9.49
CA THR A 169 10.53 -28.25 8.77
C THR A 169 11.39 -29.32 9.42
N ASN A 170 10.86 -30.53 9.48
CA ASN A 170 11.60 -31.62 10.08
C ASN A 170 11.87 -32.77 9.13
N GLN A 171 12.45 -33.81 9.69
CA GLN A 171 12.79 -35.01 8.96
C GLN A 171 11.59 -35.47 8.14
N ARG A 172 10.56 -35.96 8.83
CA ARG A 172 9.37 -36.44 8.15
C ARG A 172 8.94 -35.54 7.00
N GLY A 173 9.07 -34.24 7.21
CA GLY A 173 8.68 -33.32 6.16
C GLY A 173 9.44 -33.64 4.89
N ALA A 174 10.76 -33.47 4.96
CA ALA A 174 11.61 -33.74 3.81
C ALA A 174 11.41 -35.18 3.35
N GLU A 175 11.29 -36.10 4.31
CA GLU A 175 11.11 -37.50 3.99
C GLU A 175 9.87 -37.75 3.15
N ILE A 176 8.77 -37.09 3.47
CA ILE A 176 7.56 -37.29 2.70
C ILE A 176 7.72 -36.62 1.35
N LEU A 177 8.33 -35.44 1.35
CA LEU A 177 8.53 -34.71 0.11
C LEU A 177 9.45 -35.48 -0.85
N ALA A 178 10.48 -36.12 -0.28
CA ALA A 178 11.42 -36.89 -1.08
C ALA A 178 10.69 -38.04 -1.75
N ASP A 179 9.72 -38.57 -1.02
CA ASP A 179 8.91 -39.68 -1.50
C ASP A 179 7.95 -39.22 -2.60
N THR A 180 7.45 -38.00 -2.48
CA THR A 180 6.50 -37.45 -3.45
C THR A 180 7.16 -37.14 -4.78
N PHE A 181 8.44 -36.78 -4.72
CA PHE A 181 9.18 -36.44 -5.92
C PHE A 181 10.38 -37.37 -6.15
N LYS A 182 10.06 -38.64 -6.38
CA LYS A 182 11.06 -39.67 -6.61
C LYS A 182 11.84 -39.45 -7.90
N ASP A 183 11.49 -38.40 -8.63
CA ASP A 183 12.19 -38.09 -9.88
C ASP A 183 13.44 -37.27 -9.54
N TYR A 184 13.42 -36.65 -8.35
CA TYR A 184 14.53 -35.80 -7.95
C TYR A 184 15.15 -36.11 -6.59
N ALA A 185 16.46 -35.87 -6.53
CA ALA A 185 17.22 -36.08 -5.32
C ALA A 185 16.86 -34.99 -4.33
N VAL A 186 16.67 -35.38 -3.08
CA VAL A 186 16.33 -34.45 -2.01
C VAL A 186 17.32 -34.54 -0.86
N SER A 187 18.01 -33.43 -0.61
CA SER A 187 18.96 -33.36 0.48
C SER A 187 18.52 -32.28 1.45
N THR A 188 18.79 -32.49 2.74
CA THR A 188 18.39 -31.53 3.76
C THR A 188 19.58 -30.74 4.29
N VAL A 189 19.36 -29.45 4.54
CA VAL A 189 20.42 -28.59 5.07
C VAL A 189 19.94 -27.83 6.29
N PRO A 190 20.71 -27.86 7.38
CA PRO A 190 20.35 -27.17 8.63
C PRO A 190 20.17 -25.67 8.51
N VAL A 191 18.96 -25.22 8.86
CA VAL A 191 18.60 -23.80 8.85
C VAL A 191 18.30 -23.44 10.31
N ALA A 192 19.15 -22.57 10.87
CA ALA A 192 19.02 -22.15 12.26
C ALA A 192 18.05 -20.98 12.48
N ASP A 193 17.78 -20.70 13.75
CA ASP A 193 16.89 -19.62 14.16
C ASP A 193 15.50 -19.76 13.55
N GLY A 194 14.86 -18.61 13.36
CA GLY A 194 13.52 -18.61 12.78
C GLY A 194 13.57 -18.34 11.30
N LEU A 195 14.66 -18.77 10.67
CA LEU A 195 14.82 -18.57 9.24
C LEU A 195 14.32 -19.78 8.51
N HIS A 196 14.19 -19.61 7.20
CA HIS A 196 13.79 -20.69 6.33
C HIS A 196 14.96 -20.77 5.39
N LEU A 197 15.10 -21.89 4.71
CA LEU A 197 16.20 -22.04 3.76
C LEU A 197 16.24 -20.85 2.79
N LYS A 198 15.09 -20.47 2.23
CA LYS A 198 15.05 -19.37 1.27
C LYS A 198 15.11 -17.96 1.86
N SER A 199 15.38 -17.86 3.14
CA SER A 199 15.52 -16.55 3.77
C SER A 199 16.87 -16.00 3.32
N PHE A 200 17.68 -16.85 2.71
CA PHE A 200 18.98 -16.41 2.23
C PHE A 200 19.39 -16.93 0.85
N CYS A 201 18.47 -17.59 0.16
CA CYS A 201 18.77 -18.08 -1.18
C CYS A 201 17.52 -18.36 -2.01
N SER A 202 17.76 -18.64 -3.29
CA SER A 202 16.73 -18.95 -4.25
C SER A 202 17.34 -19.01 -5.64
N MET A 203 16.61 -19.56 -6.59
CA MET A 203 17.15 -19.68 -7.91
C MET A 203 17.05 -18.36 -8.66
N ALA A 204 18.19 -17.89 -9.15
CA ALA A 204 18.25 -16.66 -9.90
C ALA A 204 18.41 -17.04 -11.36
N GLY A 205 18.36 -18.34 -11.62
CA GLY A 205 18.50 -18.82 -12.99
C GLY A 205 18.99 -20.25 -13.12
N PRO A 206 19.17 -20.71 -14.37
CA PRO A 206 19.63 -22.07 -14.59
C PRO A 206 21.04 -22.25 -14.04
N ASN A 207 21.17 -23.08 -13.01
CA ASN A 207 22.45 -23.37 -12.39
C ASN A 207 22.94 -22.15 -11.61
N LEU A 208 22.03 -21.21 -11.37
CA LEU A 208 22.37 -20.01 -10.66
C LEU A 208 21.61 -19.89 -9.34
N ILE A 209 22.30 -20.11 -8.24
CA ILE A 209 21.69 -20.04 -6.91
C ILE A 209 21.98 -18.73 -6.19
N ALA A 210 20.97 -17.89 -6.01
CA ALA A 210 21.17 -16.61 -5.33
C ALA A 210 21.43 -16.93 -3.87
N ILE A 211 22.54 -16.41 -3.35
CA ILE A 211 22.92 -16.68 -1.97
C ILE A 211 23.44 -15.45 -1.22
N GLY A 212 23.15 -15.42 0.08
CA GLY A 212 23.57 -14.31 0.92
C GLY A 212 25.00 -14.39 1.41
N SER A 213 25.58 -13.25 1.75
CA SER A 213 26.96 -13.20 2.22
C SER A 213 27.18 -13.77 3.62
N SER A 214 26.17 -13.69 4.49
CA SER A 214 26.32 -14.21 5.85
C SER A 214 27.16 -15.48 5.90
N GLU A 215 27.89 -15.65 7.00
CA GLU A 215 28.71 -16.83 7.18
C GLU A 215 27.73 -17.98 7.31
N SER A 216 26.60 -17.72 7.96
CA SER A 216 25.56 -18.74 8.12
C SER A 216 25.00 -19.12 6.76
N ALA A 217 24.83 -18.10 5.90
CA ALA A 217 24.33 -18.31 4.55
C ALA A 217 25.31 -19.16 3.79
N GLN A 218 26.55 -18.67 3.68
CA GLN A 218 27.60 -19.38 2.97
C GLN A 218 27.83 -20.79 3.48
N LYS A 219 27.61 -21.01 4.78
CA LYS A 219 27.80 -22.34 5.36
C LYS A 219 26.68 -23.24 4.82
N ALA A 220 25.44 -22.76 4.94
CA ALA A 220 24.32 -23.52 4.45
C ALA A 220 24.59 -23.91 3.01
N LEU A 221 25.04 -22.96 2.21
CA LEU A 221 25.31 -23.25 0.81
C LEU A 221 26.33 -24.36 0.66
N LYS A 222 27.51 -24.17 1.23
CA LYS A 222 28.55 -25.21 1.13
C LYS A 222 27.99 -26.59 1.48
N ILE A 223 27.22 -26.68 2.56
CA ILE A 223 26.63 -27.96 2.95
C ILE A 223 25.87 -28.51 1.75
N MET A 224 25.18 -27.64 1.04
CA MET A 224 24.40 -28.05 -0.12
C MET A 224 25.20 -28.70 -1.24
N GLN A 225 26.08 -27.94 -1.90
CA GLN A 225 26.87 -28.49 -3.02
C GLN A 225 27.70 -29.73 -2.73
N GLN A 226 28.06 -29.93 -1.47
CA GLN A 226 28.83 -31.10 -1.10
C GLN A 226 28.06 -32.35 -1.49
N MET A 227 26.76 -32.34 -1.20
CA MET A 227 25.88 -33.46 -1.47
C MET A 227 25.30 -33.45 -2.87
N SER A 228 25.88 -32.68 -3.78
CA SER A 228 25.38 -32.64 -5.15
C SER A 228 26.39 -33.21 -6.13
N ASP A 229 25.93 -33.54 -7.33
CA ASP A 229 26.78 -34.10 -8.37
C ASP A 229 27.24 -33.01 -9.34
N HIS A 230 26.47 -31.95 -9.44
CA HIS A 230 26.83 -30.85 -10.33
C HIS A 230 27.13 -29.61 -9.51
N ARG A 231 27.97 -28.75 -10.05
CA ARG A 231 28.34 -27.53 -9.37
C ARG A 231 27.42 -26.43 -9.86
N TYR A 232 26.81 -25.70 -8.93
CA TYR A 232 25.94 -24.60 -9.31
C TYR A 232 26.77 -23.33 -9.24
N ASP A 233 26.51 -22.42 -10.18
CA ASP A 233 27.21 -21.15 -10.19
C ASP A 233 26.49 -20.35 -9.10
N LYS A 234 27.20 -19.51 -8.36
CA LYS A 234 26.56 -18.76 -7.30
C LYS A 234 26.60 -17.24 -7.45
N LEU A 235 25.45 -16.62 -7.22
CA LEU A 235 25.34 -15.16 -7.25
C LEU A 235 25.25 -14.72 -5.79
N THR A 236 26.37 -14.23 -5.26
CA THR A 236 26.41 -13.80 -3.87
C THR A 236 25.93 -12.37 -3.68
N VAL A 237 25.06 -12.16 -2.68
CA VAL A 237 24.56 -10.83 -2.41
C VAL A 237 24.81 -10.46 -0.95
N PRO A 238 25.25 -9.21 -0.73
CA PRO A 238 25.55 -8.69 0.61
C PRO A 238 24.42 -8.86 1.61
N ASP A 239 23.20 -8.55 1.17
CA ASP A 239 22.03 -8.67 2.04
C ASP A 239 21.45 -10.05 1.83
N ASP A 240 21.46 -10.83 2.91
CA ASP A 240 20.97 -12.21 2.86
C ASP A 240 19.53 -12.38 2.41
N ILE A 241 18.63 -11.52 2.85
CA ILE A 241 17.23 -11.64 2.46
C ILE A 241 16.98 -11.22 1.01
N ALA A 242 17.87 -10.39 0.47
CA ALA A 242 17.73 -9.98 -0.91
C ALA A 242 18.02 -11.19 -1.79
N ALA A 243 18.75 -12.18 -1.26
CA ALA A 243 19.03 -13.38 -2.03
C ALA A 243 17.71 -14.07 -2.41
N ASN A 244 16.63 -13.66 -1.75
CA ASN A 244 15.35 -14.27 -2.07
C ASN A 244 14.76 -13.51 -3.23
N CYS A 245 14.60 -14.20 -4.36
CA CYS A 245 14.02 -13.58 -5.55
C CYS A 245 13.33 -14.61 -6.43
N ILE A 246 12.80 -14.15 -7.55
CA ILE A 246 12.10 -15.01 -8.49
C ILE A 246 12.70 -14.98 -9.89
N TYR A 247 13.04 -16.16 -10.38
CA TYR A 247 13.57 -16.30 -11.72
C TYR A 247 12.41 -16.89 -12.49
N LEU A 248 12.38 -16.61 -13.78
CA LEU A 248 11.32 -17.12 -14.63
C LEU A 248 11.86 -17.10 -16.01
N ASN A 249 11.46 -18.11 -16.77
CA ASN A 249 11.87 -18.22 -18.16
C ASN A 249 10.59 -17.94 -18.91
N ILE A 250 10.26 -16.67 -19.06
CA ILE A 250 9.06 -16.25 -19.76
C ILE A 250 9.38 -16.14 -21.24
N PRO A 251 8.51 -16.69 -22.10
CA PRO A 251 8.71 -16.64 -23.55
C PRO A 251 8.67 -15.22 -24.13
N ASN A 252 9.53 -14.97 -25.12
CA ASN A 252 9.61 -13.67 -25.77
C ASN A 252 10.36 -12.73 -24.86
N LYS A 253 10.70 -13.24 -23.68
CA LYS A 253 11.43 -12.45 -22.70
C LYS A 253 12.75 -13.16 -22.44
N GLY A 254 12.67 -14.43 -22.06
CA GLY A 254 13.88 -15.19 -21.76
C GLY A 254 13.99 -15.34 -20.26
N HIS A 255 15.14 -14.98 -19.71
CA HIS A 255 15.38 -15.05 -18.27
C HIS A 255 14.77 -13.84 -17.58
N VAL A 256 13.94 -14.09 -16.58
CA VAL A 256 13.31 -13.01 -15.85
C VAL A 256 13.66 -13.17 -14.38
N LEU A 257 13.95 -12.06 -13.73
CA LEU A 257 14.30 -12.09 -12.32
C LEU A 257 13.65 -10.89 -11.64
N LEU A 258 12.78 -11.15 -10.68
CA LEU A 258 12.13 -10.08 -9.91
C LEU A 258 12.98 -10.05 -8.65
N HIS A 259 13.61 -8.92 -8.38
CA HIS A 259 14.44 -8.79 -7.20
C HIS A 259 13.99 -7.62 -6.34
N ARG A 260 14.57 -7.50 -5.16
CA ARG A 260 14.23 -6.39 -4.27
C ARG A 260 14.76 -5.10 -4.88
N THR A 261 13.97 -4.03 -4.81
CA THR A 261 14.31 -2.74 -5.39
C THR A 261 15.59 -2.10 -4.87
N PRO A 262 16.21 -1.22 -5.68
CA PRO A 262 17.45 -0.54 -5.26
C PRO A 262 17.23 0.20 -3.96
N GLU A 263 16.04 0.76 -3.81
CA GLU A 263 15.68 1.51 -2.62
C GLU A 263 15.76 0.64 -1.36
N GLU A 264 15.21 -0.57 -1.41
CA GLU A 264 15.22 -1.46 -0.26
C GLU A 264 16.58 -2.11 0.05
N TYR A 265 17.31 -2.46 -1.00
CA TYR A 265 18.62 -3.10 -0.85
C TYR A 265 19.51 -2.72 -2.02
N PRO A 266 20.04 -1.50 -1.99
CA PRO A 266 20.91 -1.00 -3.07
C PRO A 266 22.16 -1.85 -3.32
N GLU A 267 22.85 -2.26 -2.27
CA GLU A 267 24.06 -3.05 -2.47
C GLU A 267 23.80 -4.43 -3.06
N SER A 268 22.59 -4.95 -2.83
CA SER A 268 22.18 -6.25 -3.36
C SER A 268 21.59 -6.05 -4.76
N ALA A 269 20.81 -4.99 -4.92
CA ALA A 269 20.19 -4.67 -6.21
C ALA A 269 21.25 -4.39 -7.26
N LYS A 270 22.34 -3.74 -6.84
CA LYS A 270 23.46 -3.42 -7.73
C LYS A 270 24.11 -4.70 -8.25
N VAL A 271 24.06 -5.76 -7.45
CA VAL A 271 24.62 -7.03 -7.84
C VAL A 271 23.75 -7.64 -8.92
N TYR A 272 22.43 -7.62 -8.72
CA TYR A 272 21.50 -8.17 -9.72
C TYR A 272 21.59 -7.40 -11.02
N GLU A 273 21.94 -6.13 -10.89
CA GLU A 273 22.05 -5.23 -12.03
C GLU A 273 23.09 -5.66 -13.08
N LYS A 274 24.12 -6.37 -12.65
CA LYS A 274 25.17 -6.81 -13.55
C LYS A 274 24.79 -7.95 -14.50
N LEU A 275 23.66 -8.61 -14.22
CA LEU A 275 23.17 -9.71 -15.08
C LEU A 275 22.46 -9.09 -16.27
N LYS A 276 23.10 -9.08 -17.43
CA LYS A 276 22.47 -8.50 -18.62
C LYS A 276 21.62 -9.45 -19.44
N ASP A 277 21.66 -10.74 -19.10
CA ASP A 277 20.85 -11.73 -19.83
C ASP A 277 19.49 -11.93 -19.15
N HIS A 278 19.28 -11.21 -18.06
CA HIS A 278 18.04 -11.30 -17.32
C HIS A 278 17.26 -9.99 -17.30
N MET A 279 16.00 -10.05 -17.68
CA MET A 279 15.15 -8.87 -17.64
C MET A 279 14.95 -8.65 -16.13
N LEU A 280 15.55 -7.58 -15.62
CA LEU A 280 15.47 -7.26 -14.20
C LEU A 280 14.26 -6.40 -13.82
N ILE A 281 13.38 -6.98 -13.00
CA ILE A 281 12.19 -6.28 -12.54
C ILE A 281 12.22 -6.08 -11.03
N PRO A 282 12.51 -4.85 -10.57
CA PRO A 282 12.57 -4.56 -9.12
C PRO A 282 11.18 -4.72 -8.52
N VAL A 283 11.12 -5.27 -7.31
CA VAL A 283 9.84 -5.47 -6.64
C VAL A 283 9.97 -5.30 -5.12
N SER A 284 9.29 -4.27 -4.60
CA SER A 284 9.33 -3.96 -3.18
C SER A 284 8.54 -4.95 -2.34
N MET A 285 9.02 -5.23 -1.14
CA MET A 285 8.35 -6.17 -0.25
C MET A 285 8.57 -5.79 1.19
N SER A 286 8.88 -4.52 1.43
CA SER A 286 9.15 -4.07 2.79
C SER A 286 8.04 -4.33 3.79
N GLU A 287 6.81 -3.98 3.44
CA GLU A 287 5.71 -4.19 4.37
C GLU A 287 5.51 -5.64 4.75
N LEU A 288 5.44 -6.53 3.77
CA LEU A 288 5.24 -7.94 4.09
C LEU A 288 6.47 -8.56 4.72
N GLU A 289 7.62 -7.96 4.48
CA GLU A 289 8.85 -8.47 5.04
C GLU A 289 8.81 -8.24 6.54
N LYS A 290 8.02 -7.27 6.96
CA LYS A 290 7.90 -7.00 8.38
C LYS A 290 7.37 -8.24 9.08
N VAL A 291 6.66 -9.08 8.34
CA VAL A 291 6.14 -10.32 8.93
C VAL A 291 6.71 -11.52 8.20
N ASP A 292 8.05 -11.50 8.10
CA ASP A 292 8.85 -12.55 7.47
C ASP A 292 8.42 -13.03 6.09
N GLY A 293 7.78 -12.17 5.29
CA GLY A 293 7.34 -12.59 3.98
C GLY A 293 8.19 -12.07 2.85
N LEU A 294 8.80 -12.96 2.08
CA LEU A 294 9.65 -12.53 0.98
C LEU A 294 8.97 -12.71 -0.36
N LEU A 295 9.68 -12.39 -1.42
CA LEU A 295 9.14 -12.51 -2.76
C LEU A 295 8.55 -13.89 -3.08
N THR A 296 9.38 -14.93 -3.01
CA THR A 296 8.97 -16.30 -3.30
C THR A 296 7.73 -16.74 -2.51
N SER A 297 7.69 -16.29 -1.26
CA SER A 297 6.61 -16.60 -0.34
C SER A 297 5.23 -16.32 -0.88
N CYS A 298 5.11 -15.25 -1.66
CA CYS A 298 3.80 -14.83 -2.16
C CYS A 298 3.16 -15.52 -3.32
N SER A 299 3.76 -16.60 -3.81
CA SER A 299 3.13 -17.26 -4.92
C SER A 299 3.69 -18.65 -5.19
N VAL A 300 2.84 -19.46 -5.82
CA VAL A 300 3.20 -20.82 -6.21
C VAL A 300 3.20 -20.79 -7.74
N LEU A 301 4.31 -21.18 -8.35
CA LEU A 301 4.43 -21.16 -9.80
C LEU A 301 4.21 -22.53 -10.39
N ILE A 302 3.17 -22.66 -11.17
CA ILE A 302 2.86 -23.92 -11.79
C ILE A 302 3.17 -23.84 -13.26
N ASN A 303 3.66 -24.95 -13.81
CA ASN A 303 3.92 -25.01 -15.22
C ASN A 303 3.03 -26.08 -15.82
N LYS A 304 1.88 -25.64 -16.33
CA LYS A 304 0.90 -26.49 -16.96
C LYS A 304 1.22 -26.30 -18.45
N LYS A 305 1.66 -27.35 -19.11
CA LYS A 305 2.03 -27.25 -20.52
C LYS A 305 0.91 -27.66 -21.48
N ALA B 31 -11.89 40.61 5.64
CA ALA B 31 -11.59 39.20 6.00
C ALA B 31 -12.67 38.57 6.88
N ALA B 32 -13.19 37.44 6.43
CA ALA B 32 -14.20 36.67 7.15
C ALA B 32 -14.06 35.19 6.78
N PHE B 33 -15.17 34.46 6.68
CA PHE B 33 -15.06 33.03 6.37
C PHE B 33 -14.49 32.72 4.99
N GLY B 34 -13.44 31.90 5.00
CA GLY B 34 -12.79 31.50 3.76
C GLY B 34 -11.64 32.41 3.40
N ARG B 35 -11.35 33.40 4.24
CA ARG B 35 -10.23 34.28 3.94
C ARG B 35 -8.93 33.55 4.14
N ALA B 36 -8.10 33.55 3.10
CA ALA B 36 -6.80 32.90 3.17
C ALA B 36 -5.73 33.76 2.51
N THR B 37 -4.49 33.66 2.99
CA THR B 37 -3.41 34.43 2.40
C THR B 37 -2.37 33.47 1.82
N HIS B 38 -2.11 32.37 2.52
CA HIS B 38 -1.13 31.40 2.03
C HIS B 38 -1.72 30.02 1.79
N ALA B 39 -1.07 29.29 0.92
CA ALA B 39 -1.50 27.95 0.61
C ALA B 39 -0.27 27.08 0.66
N VAL B 40 -0.30 26.03 1.46
CA VAL B 40 0.83 25.13 1.55
C VAL B 40 0.51 23.91 0.69
N VAL B 41 1.43 23.52 -0.17
CA VAL B 41 1.27 22.35 -1.03
C VAL B 41 2.60 21.60 -1.09
N ARG B 42 2.59 20.42 -1.70
CA ARG B 42 3.81 19.63 -1.84
C ARG B 42 3.80 18.93 -3.20
N ALA B 43 4.94 19.02 -3.88
CA ALA B 43 5.11 18.43 -5.20
C ALA B 43 4.88 16.93 -5.15
N LEU B 44 4.18 16.39 -6.14
CA LEU B 44 3.91 14.96 -6.17
C LEU B 44 5.16 14.22 -6.65
N PRO B 45 5.56 13.19 -5.90
CA PRO B 45 6.74 12.40 -6.26
C PRO B 45 6.43 11.42 -7.38
N GLU B 46 7.47 11.00 -8.10
CA GLU B 46 7.30 10.07 -9.21
C GLU B 46 6.71 8.74 -8.76
N SER B 47 7.05 8.33 -7.53
CA SER B 47 6.58 7.07 -6.98
C SER B 47 5.08 7.00 -6.74
N LEU B 48 4.45 8.16 -6.62
CA LEU B 48 3.01 8.20 -6.41
C LEU B 48 2.36 7.36 -7.49
N GLY B 49 2.86 7.50 -8.71
CA GLY B 49 2.32 6.75 -9.82
C GLY B 49 2.07 5.29 -9.54
N GLN B 50 3.05 4.61 -8.94
CA GLN B 50 2.94 3.18 -8.63
C GLN B 50 2.75 2.81 -7.15
N HIS B 51 3.15 3.68 -6.24
CA HIS B 51 3.06 3.36 -4.83
C HIS B 51 2.07 4.16 -4.00
N ALA B 52 1.46 5.17 -4.60
CA ALA B 52 0.48 5.97 -3.88
C ALA B 52 -0.63 5.02 -3.47
N LEU B 53 -1.00 5.04 -2.20
CA LEU B 53 -2.07 4.18 -1.73
C LEU B 53 -3.40 4.62 -2.35
N ARG B 54 -4.15 3.66 -2.88
CA ARG B 54 -5.45 3.94 -3.47
C ARG B 54 -6.38 2.91 -2.88
N SER B 55 -7.60 3.33 -2.55
CA SER B 55 -8.59 2.43 -1.93
C SER B 55 -9.21 1.35 -2.83
N ALA B 56 -9.06 1.49 -4.14
CA ALA B 56 -9.63 0.53 -5.07
C ALA B 56 -8.76 0.34 -6.31
N LYS B 57 -8.95 -0.78 -6.99
CA LYS B 57 -8.20 -1.16 -8.20
C LYS B 57 -8.58 -0.34 -9.44
N GLY B 58 -8.23 0.94 -9.41
CA GLY B 58 -8.55 1.85 -10.51
C GLY B 58 -7.74 1.69 -11.77
N GLU B 59 -7.52 2.80 -12.47
CA GLU B 59 -6.76 2.76 -13.70
C GLU B 59 -5.29 3.07 -13.54
N GLU B 60 -4.64 3.29 -14.68
CA GLU B 60 -3.23 3.63 -14.71
C GLU B 60 -3.09 5.13 -14.51
N VAL B 61 -2.32 5.50 -13.50
CA VAL B 61 -2.11 6.91 -13.18
C VAL B 61 -1.03 7.59 -14.03
N ASP B 62 -1.47 8.34 -15.03
CA ASP B 62 -0.55 9.06 -15.90
C ASP B 62 0.13 10.12 -15.04
N VAL B 63 1.31 9.82 -14.50
CA VAL B 63 2.01 10.76 -13.65
C VAL B 63 2.23 12.11 -14.32
N ALA B 64 2.27 12.12 -15.65
CA ALA B 64 2.48 13.37 -16.40
C ALA B 64 1.25 14.27 -16.35
N ARG B 65 0.07 13.67 -16.53
CA ARG B 65 -1.19 14.39 -16.49
C ARG B 65 -1.50 14.81 -15.05
N ALA B 66 -1.32 13.88 -14.11
CA ALA B 66 -1.54 14.16 -12.69
C ALA B 66 -0.60 15.30 -12.28
N GLU B 67 0.56 15.34 -12.95
CA GLU B 67 1.56 16.37 -12.74
C GLU B 67 1.00 17.64 -13.34
N ARG B 68 0.68 17.57 -14.63
CA ARG B 68 0.12 18.72 -15.34
C ARG B 68 -1.06 19.32 -14.59
N GLN B 69 -1.84 18.47 -13.91
CA GLN B 69 -3.00 18.93 -13.15
C GLN B 69 -2.68 19.59 -11.82
N HIS B 70 -1.69 19.08 -11.11
CA HIS B 70 -1.34 19.67 -9.81
C HIS B 70 -0.78 21.06 -10.07
N GLN B 71 -0.10 21.22 -11.20
CA GLN B 71 0.47 22.50 -11.54
C GLN B 71 -0.64 23.51 -11.80
N LEU B 72 -1.74 23.06 -12.38
CA LEU B 72 -2.85 23.97 -12.64
C LEU B 72 -3.50 24.38 -11.30
N TYR B 73 -3.60 23.43 -10.37
CA TYR B 73 -4.18 23.67 -9.04
C TYR B 73 -3.37 24.80 -8.40
N VAL B 74 -2.07 24.58 -8.21
CA VAL B 74 -1.20 25.58 -7.62
C VAL B 74 -1.32 26.88 -8.39
N GLY B 75 -1.47 26.77 -9.70
CA GLY B 75 -1.61 27.94 -10.55
C GLY B 75 -2.79 28.77 -10.12
N VAL B 76 -3.95 28.13 -10.02
CA VAL B 76 -5.18 28.81 -9.61
C VAL B 76 -5.07 29.45 -8.23
N LEU B 77 -4.35 28.77 -7.34
CA LEU B 77 -4.20 29.25 -5.97
C LEU B 77 -3.29 30.44 -5.80
N GLY B 78 -2.06 30.34 -6.29
CA GLY B 78 -1.14 31.43 -6.09
C GLY B 78 -1.12 32.49 -7.17
N SER B 79 -1.14 32.05 -8.41
CA SER B 79 -1.07 32.96 -9.52
C SER B 79 -2.41 33.59 -9.92
N LYS B 80 -3.44 32.77 -10.03
CA LYS B 80 -4.77 33.23 -10.40
C LYS B 80 -5.46 33.97 -9.26
N LEU B 81 -5.38 33.40 -8.06
CA LEU B 81 -6.01 33.99 -6.88
C LEU B 81 -5.12 34.90 -6.04
N GLY B 82 -3.81 34.79 -6.23
CA GLY B 82 -2.91 35.64 -5.48
C GLY B 82 -2.47 35.17 -4.11
N LEU B 83 -2.82 33.95 -3.72
CA LEU B 83 -2.37 33.47 -2.41
C LEU B 83 -0.87 33.33 -2.44
N GLN B 84 -0.26 33.39 -1.28
CA GLN B 84 1.17 33.18 -1.22
C GLN B 84 1.28 31.66 -1.14
N VAL B 85 1.91 31.06 -2.15
CA VAL B 85 2.04 29.62 -2.23
C VAL B 85 3.39 29.06 -1.81
N VAL B 86 3.37 28.15 -0.83
CA VAL B 86 4.60 27.52 -0.35
C VAL B 86 4.75 26.11 -0.94
N GLU B 87 5.71 25.98 -1.85
CA GLU B 87 5.99 24.73 -2.54
C GLU B 87 6.94 23.77 -1.83
N LEU B 88 6.39 22.91 -0.98
CA LEU B 88 7.23 21.94 -0.30
C LEU B 88 7.78 20.97 -1.33
N PRO B 89 8.98 20.44 -1.10
CA PRO B 89 9.60 19.50 -2.03
C PRO B 89 9.09 18.07 -1.91
N ALA B 90 8.82 17.45 -3.06
CA ALA B 90 8.34 16.07 -3.10
C ALA B 90 9.37 15.14 -2.48
N ASP B 91 8.94 13.92 -2.19
CA ASP B 91 9.81 12.93 -1.58
C ASP B 91 9.38 11.55 -2.05
N GLU B 92 10.25 10.86 -2.79
CA GLU B 92 9.91 9.52 -3.30
C GLU B 92 9.50 8.51 -2.23
N SER B 93 10.19 8.52 -1.10
CA SER B 93 9.86 7.64 -0.01
C SER B 93 8.40 7.82 0.38
N LEU B 94 7.86 9.01 0.14
CA LEU B 94 6.47 9.36 0.45
C LEU B 94 5.66 9.61 -0.83
N PRO B 95 5.11 8.55 -1.45
CA PRO B 95 4.34 8.77 -2.68
C PRO B 95 3.12 9.65 -2.45
N ASP B 96 2.61 9.68 -1.22
CA ASP B 96 1.45 10.51 -0.94
C ASP B 96 1.73 11.89 -0.34
N CYS B 97 2.99 12.29 -0.33
CA CYS B 97 3.36 13.60 0.22
C CYS B 97 2.57 14.77 -0.42
N VAL B 98 2.12 14.58 -1.64
CA VAL B 98 1.36 15.63 -2.34
C VAL B 98 0.08 16.05 -1.63
N PHE B 99 -0.48 15.13 -0.84
CA PHE B 99 -1.73 15.35 -0.11
C PHE B 99 -1.55 15.89 1.28
N VAL B 100 -1.11 17.13 1.34
CA VAL B 100 -0.83 17.80 2.58
C VAL B 100 -1.99 18.01 3.53
N GLU B 101 -3.21 18.06 3.01
CA GLU B 101 -4.35 18.28 3.89
C GLU B 101 -4.46 17.28 5.02
N ASP B 102 -3.95 16.07 4.82
CA ASP B 102 -4.07 15.05 5.86
C ASP B 102 -3.12 15.18 7.04
N VAL B 103 -1.91 15.68 6.77
CA VAL B 103 -0.91 15.81 7.83
C VAL B 103 -1.01 17.07 8.67
N ALA B 104 -2.03 17.90 8.44
CA ALA B 104 -2.12 19.14 9.20
C ALA B 104 -3.41 19.91 9.04
N VAL B 105 -3.88 20.47 10.15
CA VAL B 105 -5.11 21.26 10.17
C VAL B 105 -4.81 22.64 10.75
N VAL B 106 -5.26 23.68 10.06
CA VAL B 106 -5.00 25.05 10.48
C VAL B 106 -6.23 25.92 10.65
N CYS B 107 -6.43 26.35 11.88
CA CYS B 107 -7.54 27.20 12.20
C CYS B 107 -6.90 28.42 12.80
N GLU B 108 -7.11 29.57 12.17
CA GLU B 108 -6.51 30.81 12.65
C GLU B 108 -4.99 30.73 12.67
N GLU B 109 -4.35 31.01 13.80
CA GLU B 109 -2.88 30.95 13.87
C GLU B 109 -2.46 29.77 14.70
N THR B 110 -3.32 28.75 14.76
CA THR B 110 -3.03 27.56 15.52
C THR B 110 -3.15 26.36 14.58
N ALA B 111 -2.01 25.74 14.28
CA ALA B 111 -2.00 24.60 13.38
C ALA B 111 -1.78 23.30 14.15
N LEU B 112 -2.46 22.25 13.71
CA LEU B 112 -2.35 20.95 14.32
C LEU B 112 -1.61 20.01 13.39
N ILE B 113 -0.51 19.43 13.88
CA ILE B 113 0.24 18.47 13.08
C ILE B 113 -0.33 17.10 13.43
N THR B 114 -1.12 16.55 12.53
CA THR B 114 -1.77 15.28 12.74
C THR B 114 -0.83 14.08 12.78
N ARG B 115 -1.42 12.92 13.05
CA ARG B 115 -0.73 11.65 13.06
C ARG B 115 -1.57 10.82 12.08
N PRO B 116 -1.20 10.86 10.79
CA PRO B 116 -1.87 10.14 9.71
C PRO B 116 -2.21 8.68 10.03
N GLY B 117 -3.45 8.31 9.79
CA GLY B 117 -3.86 6.94 10.04
C GLY B 117 -2.94 5.97 9.31
N ALA B 118 -2.50 6.36 8.12
CA ALA B 118 -1.61 5.52 7.32
C ALA B 118 -0.20 5.62 7.92
N PRO B 119 0.30 4.52 8.51
CA PRO B 119 1.64 4.57 9.10
C PRO B 119 2.70 5.04 8.11
N SER B 120 2.69 4.42 6.95
CA SER B 120 3.65 4.73 5.90
C SER B 120 3.66 6.19 5.45
N ARG B 121 2.69 6.97 5.93
CA ARG B 121 2.59 8.39 5.58
C ARG B 121 3.06 9.29 6.71
N ARG B 122 3.01 8.78 7.93
CA ARG B 122 3.36 9.53 9.11
C ARG B 122 4.65 10.36 9.05
N LYS B 123 5.51 10.09 8.09
CA LYS B 123 6.74 10.85 7.97
C LYS B 123 6.59 11.96 6.94
N GLU B 124 5.34 12.34 6.67
CA GLU B 124 5.05 13.41 5.73
C GLU B 124 5.10 14.71 6.51
N VAL B 125 4.82 14.58 7.80
CA VAL B 125 4.79 15.71 8.71
C VAL B 125 6.07 16.55 8.74
N ASP B 126 7.22 15.88 8.76
CA ASP B 126 8.49 16.56 8.81
C ASP B 126 8.52 17.87 8.04
N MET B 127 8.47 17.80 6.72
CA MET B 127 8.51 19.00 5.90
C MET B 127 7.40 19.97 6.30
N MET B 128 6.23 19.43 6.60
CA MET B 128 5.10 20.26 6.97
C MET B 128 5.40 21.10 8.21
N LYS B 129 5.83 20.45 9.29
CA LYS B 129 6.13 21.16 10.53
C LYS B 129 7.17 22.26 10.30
N GLU B 130 8.27 21.90 9.64
CA GLU B 130 9.34 22.86 9.37
C GLU B 130 8.78 24.08 8.67
N ALA B 131 7.81 23.87 7.79
CA ALA B 131 7.22 24.96 7.04
C ALA B 131 6.17 25.79 7.82
N LEU B 132 5.44 25.14 8.72
CA LEU B 132 4.42 25.85 9.49
C LEU B 132 4.98 26.74 10.58
N GLU B 133 5.87 26.18 11.40
CA GLU B 133 6.48 26.94 12.49
C GLU B 133 7.21 28.07 11.80
N LYS B 134 7.52 27.84 10.53
CA LYS B 134 8.22 28.80 9.71
C LYS B 134 7.33 29.96 9.29
N LEU B 135 6.09 29.95 9.75
CA LEU B 135 5.15 31.01 9.38
C LEU B 135 4.35 31.59 10.56
N GLN B 136 4.94 31.58 11.74
CA GLN B 136 4.31 32.15 12.94
C GLN B 136 3.03 31.44 13.39
N LEU B 137 3.05 30.11 13.33
CA LEU B 137 1.89 29.32 13.72
C LEU B 137 2.15 28.67 15.07
N ASN B 138 1.10 28.54 15.87
CA ASN B 138 1.22 27.89 17.17
C ASN B 138 1.04 26.41 16.88
N ILE B 139 2.15 25.68 16.85
CA ILE B 139 2.11 24.26 16.54
C ILE B 139 1.78 23.33 17.71
N VAL B 140 0.99 22.32 17.40
CA VAL B 140 0.59 21.32 18.36
C VAL B 140 0.70 20.00 17.63
N GLU B 141 1.72 19.21 17.96
CA GLU B 141 1.91 17.93 17.29
C GLU B 141 1.16 16.77 17.93
N MET B 142 0.56 15.93 17.09
CA MET B 142 -0.16 14.75 17.55
C MET B 142 0.90 13.67 17.66
N LYS B 143 1.40 13.45 18.88
CA LYS B 143 2.44 12.44 19.10
C LYS B 143 1.83 11.13 19.56
N ASP B 144 0.84 11.23 20.45
CA ASP B 144 0.14 10.08 21.00
C ASP B 144 0.12 8.93 20.01
N GLU B 145 1.02 7.96 20.18
CA GLU B 145 1.12 6.81 19.30
C GLU B 145 -0.18 6.02 19.13
N ASN B 146 -1.23 6.45 19.81
CA ASN B 146 -2.54 5.78 19.74
C ASN B 146 -3.64 6.65 19.14
N ALA B 147 -3.27 7.84 18.65
CA ALA B 147 -4.25 8.75 18.06
C ALA B 147 -3.94 8.92 16.58
N THR B 148 -4.90 8.61 15.72
CA THR B 148 -4.71 8.77 14.29
C THR B 148 -5.73 9.79 13.78
N LEU B 149 -5.44 10.40 12.64
CA LEU B 149 -6.33 11.39 12.05
C LEU B 149 -5.74 11.99 10.79
N ASP B 150 -6.59 12.11 9.76
CA ASP B 150 -6.19 12.67 8.48
C ASP B 150 -7.00 13.93 8.17
N GLY B 151 -6.29 15.03 7.94
CA GLY B 151 -6.94 16.29 7.62
C GLY B 151 -8.23 16.20 6.83
N GLY B 152 -8.29 15.29 5.85
CA GLY B 152 -9.49 15.14 5.05
C GLY B 152 -10.74 14.87 5.87
N ASP B 153 -10.62 14.05 6.91
CA ASP B 153 -11.76 13.73 7.76
C ASP B 153 -12.23 14.92 8.58
N VAL B 154 -11.58 16.07 8.43
CA VAL B 154 -11.96 17.24 9.22
C VAL B 154 -12.61 18.39 8.46
N LEU B 155 -13.85 18.68 8.80
CA LEU B 155 -14.59 19.74 8.15
C LEU B 155 -14.66 20.94 9.05
N PHE B 156 -14.16 22.06 8.57
CA PHE B 156 -14.22 23.27 9.36
C PHE B 156 -15.15 24.21 8.64
N THR B 157 -16.29 24.48 9.25
CA THR B 157 -17.30 25.32 8.64
C THR B 157 -17.23 26.80 8.99
N GLY B 158 -16.20 27.18 9.73
CA GLY B 158 -16.06 28.58 10.12
C GLY B 158 -16.75 28.88 11.46
N ARG B 159 -17.46 27.89 11.98
CA ARG B 159 -18.17 28.03 13.26
C ARG B 159 -17.92 26.84 14.17
N GLU B 160 -17.42 25.74 13.60
CA GLU B 160 -17.14 24.54 14.37
C GLU B 160 -16.50 23.50 13.50
N PHE B 161 -16.16 22.36 14.09
CA PHE B 161 -15.55 21.26 13.35
C PHE B 161 -16.43 20.03 13.33
N PHE B 162 -16.25 19.24 12.30
CA PHE B 162 -16.96 17.99 12.17
C PHE B 162 -15.83 17.06 11.80
N VAL B 163 -15.58 16.05 12.62
CA VAL B 163 -14.50 15.10 12.35
C VAL B 163 -15.05 13.72 12.02
N GLY B 164 -14.56 13.14 10.94
CA GLY B 164 -15.00 11.83 10.55
C GLY B 164 -14.19 10.69 11.16
N LEU B 165 -14.88 9.84 11.91
CA LEU B 165 -14.25 8.68 12.53
C LEU B 165 -14.33 7.58 11.47
N SER B 166 -13.30 7.51 10.63
CA SER B 166 -13.22 6.55 9.55
C SER B 166 -12.17 5.50 9.85
N LYS B 167 -11.74 4.80 8.80
CA LYS B 167 -10.70 3.80 8.95
C LYS B 167 -9.35 4.51 9.16
N ARG B 168 -9.32 5.81 8.88
CA ARG B 168 -8.10 6.60 9.03
C ARG B 168 -8.08 7.45 10.31
N THR B 169 -9.25 7.83 10.80
CA THR B 169 -9.32 8.64 12.02
C THR B 169 -9.99 7.89 13.16
N ASN B 170 -9.58 8.21 14.39
CA ASN B 170 -10.17 7.56 15.56
C ASN B 170 -10.60 8.55 16.59
N GLN B 171 -11.31 8.03 17.58
CA GLN B 171 -11.83 8.81 18.68
C GLN B 171 -10.71 9.68 19.26
N ARG B 172 -9.53 9.09 19.47
CA ARG B 172 -8.37 9.81 20.02
C ARG B 172 -7.95 11.02 19.21
N GLY B 173 -7.63 10.80 17.95
CA GLY B 173 -7.20 11.87 17.08
C GLY B 173 -8.20 12.99 17.07
N ALA B 174 -9.48 12.64 17.04
CA ALA B 174 -10.49 13.67 17.04
C ALA B 174 -10.40 14.39 18.38
N GLU B 175 -10.27 13.61 19.45
CA GLU B 175 -10.17 14.14 20.81
C GLU B 175 -9.05 15.16 20.95
N ILE B 176 -7.90 14.84 20.39
CA ILE B 176 -6.75 15.73 20.45
C ILE B 176 -6.94 16.96 19.55
N LEU B 177 -7.79 16.84 18.53
CA LEU B 177 -8.07 17.95 17.63
C LEU B 177 -8.97 18.96 18.33
N ALA B 178 -10.05 18.45 18.94
CA ALA B 178 -10.98 19.31 19.67
C ALA B 178 -10.18 19.92 20.82
N ASP B 179 -9.24 19.12 21.30
CA ASP B 179 -8.34 19.47 22.38
C ASP B 179 -7.49 20.70 22.05
N THR B 180 -7.12 20.83 20.79
CA THR B 180 -6.28 21.94 20.38
C THR B 180 -7.02 23.19 19.95
N PHE B 181 -8.20 23.01 19.38
CA PHE B 181 -8.97 24.16 18.95
C PHE B 181 -10.07 24.39 19.96
N LYS B 182 -9.68 24.50 21.22
CA LYS B 182 -10.62 24.73 22.31
C LYS B 182 -11.63 25.81 21.95
N ASP B 183 -11.16 26.85 21.26
CA ASP B 183 -11.99 27.97 20.83
C ASP B 183 -13.19 27.57 19.98
N TYR B 184 -13.27 26.30 19.60
CA TYR B 184 -14.39 25.82 18.79
C TYR B 184 -14.93 24.50 19.30
N ALA B 185 -16.19 24.23 18.98
CA ALA B 185 -16.82 22.99 19.36
C ALA B 185 -16.35 21.96 18.34
N VAL B 186 -16.29 20.70 18.74
CA VAL B 186 -15.82 19.68 17.82
C VAL B 186 -16.70 18.44 17.89
N SER B 187 -17.38 18.15 16.78
CA SER B 187 -18.27 17.00 16.72
C SER B 187 -17.65 15.88 15.88
N THR B 188 -18.24 14.69 16.00
CA THR B 188 -17.78 13.52 15.26
C THR B 188 -18.90 12.96 14.41
N VAL B 189 -18.54 12.18 13.40
CA VAL B 189 -19.52 11.58 12.49
C VAL B 189 -18.95 10.33 11.80
N PRO B 190 -19.58 9.16 12.02
CA PRO B 190 -19.14 7.90 11.43
C PRO B 190 -18.96 7.98 9.92
N VAL B 191 -17.81 7.51 9.43
CA VAL B 191 -17.51 7.53 8.00
C VAL B 191 -17.33 6.12 7.45
N ALA B 192 -18.15 5.81 6.44
CA ALA B 192 -18.18 4.51 5.78
C ALA B 192 -16.94 4.13 4.99
N ASP B 193 -16.87 2.83 4.66
CA ASP B 193 -15.78 2.23 3.89
C ASP B 193 -14.41 2.74 4.29
N GLY B 194 -13.60 3.02 3.27
CA GLY B 194 -12.27 3.55 3.47
C GLY B 194 -12.34 4.99 2.99
N LEU B 195 -13.50 5.59 3.20
CA LEU B 195 -13.78 6.96 2.82
C LEU B 195 -13.43 7.90 3.96
N HIS B 196 -13.31 9.19 3.62
CA HIS B 196 -13.02 10.23 4.59
C HIS B 196 -14.27 11.11 4.66
N LEU B 197 -14.36 11.95 5.68
CA LEU B 197 -15.51 12.80 5.77
C LEU B 197 -15.64 13.62 4.49
N LYS B 198 -14.63 14.44 4.19
CA LYS B 198 -14.69 15.26 2.99
C LYS B 198 -14.65 14.49 1.67
N SER B 199 -14.95 13.20 1.74
CA SER B 199 -14.98 12.39 0.55
C SER B 199 -16.29 12.70 -0.16
N PHE B 200 -17.30 13.03 0.63
CA PHE B 200 -18.60 13.38 0.08
C PHE B 200 -19.07 14.78 0.48
N CYS B 201 -18.19 15.63 1.01
CA CYS B 201 -18.62 16.98 1.39
C CYS B 201 -17.46 17.94 1.65
N SER B 202 -17.77 19.21 1.77
CA SER B 202 -16.76 20.22 2.04
C SER B 202 -17.52 21.54 2.09
N MET B 203 -16.85 22.60 2.51
CA MET B 203 -17.50 23.90 2.59
C MET B 203 -17.54 24.57 1.22
N ALA B 204 -18.72 25.08 0.86
CA ALA B 204 -18.93 25.74 -0.42
C ALA B 204 -19.11 27.26 -0.32
N GLY B 205 -19.22 27.75 0.91
CA GLY B 205 -19.40 29.16 1.14
C GLY B 205 -19.90 29.39 2.56
N PRO B 206 -19.96 30.64 3.01
CA PRO B 206 -20.42 30.91 4.37
C PRO B 206 -21.68 30.11 4.70
N ASN B 207 -21.66 29.43 5.83
CA ASN B 207 -22.81 28.64 6.27
C ASN B 207 -23.33 27.71 5.18
N LEU B 208 -22.49 27.39 4.20
CA LEU B 208 -22.94 26.53 3.13
C LEU B 208 -22.09 25.26 2.97
N ILE B 209 -22.71 24.12 3.22
CA ILE B 209 -22.04 22.83 3.11
C ILE B 209 -22.38 22.11 1.81
N ALA B 210 -21.35 21.82 1.01
CA ALA B 210 -21.57 21.09 -0.23
C ALA B 210 -21.77 19.63 0.20
N ILE B 211 -22.87 19.02 -0.19
CA ILE B 211 -23.11 17.64 0.22
C ILE B 211 -23.39 16.70 -0.93
N GLY B 212 -23.07 15.43 -0.75
CA GLY B 212 -23.33 14.44 -1.78
C GLY B 212 -24.80 14.05 -1.62
N SER B 213 -25.35 13.37 -2.61
CA SER B 213 -26.75 12.99 -2.49
C SER B 213 -26.96 11.53 -2.18
N SER B 214 -25.87 10.83 -1.85
CA SER B 214 -25.95 9.40 -1.52
C SER B 214 -26.67 9.19 -0.19
N GLU B 215 -27.06 7.95 0.07
CA GLU B 215 -27.75 7.64 1.32
C GLU B 215 -26.80 7.88 2.51
N SER B 216 -25.51 7.61 2.30
CA SER B 216 -24.51 7.81 3.35
C SER B 216 -24.22 9.30 3.60
N ALA B 217 -24.03 10.05 2.51
CA ALA B 217 -23.77 11.48 2.62
C ALA B 217 -24.93 12.13 3.40
N GLN B 218 -26.14 11.94 2.91
CA GLN B 218 -27.34 12.49 3.55
C GLN B 218 -27.37 12.17 5.04
N LYS B 219 -27.14 10.90 5.38
CA LYS B 219 -27.13 10.48 6.77
C LYS B 219 -26.06 11.28 7.52
N ALA B 220 -24.81 11.14 7.09
CA ALA B 220 -23.73 11.85 7.74
C ALA B 220 -24.08 13.32 7.91
N LEU B 221 -24.97 13.83 7.05
CA LEU B 221 -25.36 15.23 7.11
C LEU B 221 -26.47 15.54 8.11
N LYS B 222 -27.43 14.64 8.23
CA LYS B 222 -28.52 14.82 9.17
C LYS B 222 -27.86 14.89 10.54
N ILE B 223 -26.91 13.99 10.76
CA ILE B 223 -26.18 13.95 12.02
C ILE B 223 -25.55 15.31 12.34
N MET B 224 -24.99 15.97 11.34
CA MET B 224 -24.36 17.26 11.55
C MET B 224 -25.34 18.37 11.88
N GLN B 225 -26.33 18.57 11.01
CA GLN B 225 -27.34 19.61 11.22
C GLN B 225 -27.90 19.47 12.62
N GLN B 226 -28.14 18.22 12.99
CA GLN B 226 -28.68 17.83 14.27
C GLN B 226 -27.86 18.40 15.44
N MET B 227 -26.57 18.11 15.43
CA MET B 227 -25.66 18.54 16.50
C MET B 227 -25.18 19.98 16.44
N SER B 228 -25.17 20.60 15.28
CA SER B 228 -24.74 21.98 15.21
C SER B 228 -25.73 22.82 15.99
N ASP B 229 -25.24 23.84 16.65
CA ASP B 229 -26.12 24.71 17.42
C ASP B 229 -26.96 25.54 16.45
N HIS B 230 -26.85 25.23 15.16
CA HIS B 230 -27.60 25.94 14.13
C HIS B 230 -27.75 25.11 12.84
N ARG B 231 -28.70 25.51 11.99
CA ARG B 231 -28.93 24.80 10.73
C ARG B 231 -28.14 25.41 9.56
N TYR B 232 -27.26 24.61 8.98
CA TYR B 232 -26.46 25.04 7.85
C TYR B 232 -27.26 25.00 6.57
N ASP B 233 -26.92 25.87 5.63
CA ASP B 233 -27.59 25.88 4.34
C ASP B 233 -26.82 24.84 3.56
N LYS B 234 -27.48 24.17 2.61
CA LYS B 234 -26.78 23.14 1.86
C LYS B 234 -26.86 23.25 0.34
N LEU B 235 -25.84 22.70 -0.32
CA LEU B 235 -25.76 22.66 -1.78
C LEU B 235 -25.54 21.18 -2.10
N THR B 236 -26.56 20.56 -2.68
CA THR B 236 -26.54 19.14 -3.03
C THR B 236 -26.02 18.84 -4.44
N VAL B 237 -25.12 17.86 -4.53
CA VAL B 237 -24.56 17.45 -5.81
C VAL B 237 -24.93 16.00 -6.06
N PRO B 238 -25.06 15.60 -7.33
CA PRO B 238 -25.41 14.21 -7.62
C PRO B 238 -24.29 13.18 -7.42
N ASP B 239 -23.04 13.65 -7.32
CA ASP B 239 -21.89 12.75 -7.12
C ASP B 239 -21.23 13.03 -5.79
N ASP B 240 -21.35 12.10 -4.86
CA ASP B 240 -20.74 12.24 -3.54
C ASP B 240 -19.33 12.85 -3.58
N ILE B 241 -18.52 12.40 -4.53
CA ILE B 241 -17.16 12.88 -4.65
C ILE B 241 -17.03 14.30 -5.15
N ALA B 242 -17.99 14.74 -5.95
CA ALA B 242 -17.91 16.10 -6.47
C ALA B 242 -18.16 17.12 -5.36
N ALA B 243 -18.91 16.74 -4.34
CA ALA B 243 -19.20 17.64 -3.22
C ALA B 243 -17.93 18.16 -2.53
N ASN B 244 -16.78 17.62 -2.92
CA ASN B 244 -15.51 18.04 -2.33
C ASN B 244 -15.03 19.15 -3.25
N CYS B 245 -14.92 20.36 -2.70
CA CYS B 245 -14.47 21.48 -3.48
C CYS B 245 -13.71 22.39 -2.53
N ILE B 246 -13.56 23.65 -2.90
CA ILE B 246 -12.86 24.58 -2.05
C ILE B 246 -13.40 25.97 -2.20
N TYR B 247 -13.80 26.55 -1.08
CA TYR B 247 -14.29 27.90 -1.07
C TYR B 247 -13.21 28.80 -0.48
N LEU B 248 -13.14 30.02 -1.00
CA LEU B 248 -12.20 31.01 -0.51
C LEU B 248 -12.85 32.35 -0.68
N ASN B 249 -12.56 33.24 0.26
CA ASN B 249 -13.07 34.58 0.16
C ASN B 249 -11.83 35.38 -0.22
N ILE B 250 -11.69 35.64 -1.52
CA ILE B 250 -10.57 36.37 -2.06
C ILE B 250 -10.91 37.86 -2.18
N PRO B 251 -10.02 38.72 -1.67
CA PRO B 251 -10.25 40.17 -1.74
C PRO B 251 -10.34 40.71 -3.17
N ASN B 252 -11.21 41.69 -3.35
CA ASN B 252 -11.43 42.32 -4.65
C ASN B 252 -12.20 41.40 -5.57
N LYS B 253 -12.51 40.21 -5.06
CA LYS B 253 -13.25 39.21 -5.82
C LYS B 253 -14.53 38.78 -5.12
N GLY B 254 -14.41 38.27 -3.90
CA GLY B 254 -15.57 37.81 -3.14
C GLY B 254 -15.63 36.29 -3.11
N HIS B 255 -16.81 35.74 -3.43
CA HIS B 255 -17.02 34.29 -3.45
C HIS B 255 -16.28 33.58 -4.57
N VAL B 256 -15.36 32.69 -4.20
CA VAL B 256 -14.57 31.93 -5.16
C VAL B 256 -14.63 30.44 -4.84
N LEU B 257 -15.05 29.64 -5.81
CA LEU B 257 -15.15 28.20 -5.64
C LEU B 257 -14.48 27.40 -6.77
N LEU B 258 -13.58 26.50 -6.40
CA LEU B 258 -12.90 25.66 -7.36
C LEU B 258 -13.62 24.32 -7.31
N HIS B 259 -14.20 23.89 -8.42
CA HIS B 259 -14.93 22.64 -8.42
C HIS B 259 -14.50 21.71 -9.54
N ARG B 260 -14.87 20.44 -9.45
CA ARG B 260 -14.49 19.47 -10.48
C ARG B 260 -15.08 19.86 -11.85
N THR B 261 -14.27 19.69 -12.89
CA THR B 261 -14.69 20.03 -14.25
C THR B 261 -15.97 19.30 -14.71
N PRO B 262 -16.63 19.84 -15.75
CA PRO B 262 -17.85 19.19 -16.24
C PRO B 262 -17.45 17.92 -17.00
N GLU B 263 -16.16 17.79 -17.27
CA GLU B 263 -15.63 16.62 -17.97
C GLU B 263 -15.33 15.50 -16.96
N GLU B 264 -15.71 15.72 -15.71
CA GLU B 264 -15.49 14.74 -14.65
C GLU B 264 -16.81 14.44 -13.96
N TYR B 265 -17.58 15.49 -13.70
CA TYR B 265 -18.88 15.38 -13.05
C TYR B 265 -19.78 16.51 -13.57
N PRO B 266 -20.11 16.47 -14.88
CA PRO B 266 -20.95 17.45 -15.55
C PRO B 266 -22.28 17.72 -14.87
N GLU B 267 -22.79 16.72 -14.16
CA GLU B 267 -24.06 16.89 -13.46
C GLU B 267 -23.86 17.63 -12.15
N SER B 268 -22.74 17.33 -11.51
CA SER B 268 -22.44 17.99 -10.26
C SER B 268 -21.91 19.36 -10.62
N ALA B 269 -21.30 19.47 -11.80
CA ALA B 269 -20.75 20.72 -12.29
C ALA B 269 -21.86 21.72 -12.60
N LYS B 270 -22.96 21.22 -13.16
CA LYS B 270 -24.08 22.10 -13.47
C LYS B 270 -24.62 22.69 -12.17
N VAL B 271 -24.61 21.89 -11.11
CA VAL B 271 -25.09 22.34 -9.81
C VAL B 271 -24.29 23.54 -9.33
N TYR B 272 -23.00 23.59 -9.68
CA TYR B 272 -22.14 24.70 -9.26
C TYR B 272 -22.32 25.92 -10.17
N GLU B 273 -22.52 25.67 -11.46
CA GLU B 273 -22.72 26.73 -12.42
C GLU B 273 -23.90 27.61 -11.99
N LYS B 274 -24.84 27.00 -11.25
CA LYS B 274 -26.02 27.71 -10.78
C LYS B 274 -25.79 28.64 -9.60
N LEU B 275 -24.59 28.61 -9.03
CA LEU B 275 -24.29 29.51 -7.91
C LEU B 275 -23.96 30.83 -8.57
N LYS B 276 -24.86 31.80 -8.40
CA LYS B 276 -24.71 33.09 -9.04
C LYS B 276 -23.79 34.16 -8.43
N ASP B 277 -23.64 34.18 -7.11
CA ASP B 277 -22.77 35.17 -6.47
C ASP B 277 -21.34 34.64 -6.30
N HIS B 278 -21.09 33.45 -6.87
CA HIS B 278 -19.79 32.79 -6.79
C HIS B 278 -18.95 32.87 -8.06
N MET B 279 -17.63 32.95 -7.86
CA MET B 279 -16.72 32.93 -8.99
C MET B 279 -16.47 31.43 -9.19
N LEU B 280 -16.69 30.93 -10.39
CA LEU B 280 -16.48 29.52 -10.61
C LEU B 280 -15.16 29.24 -11.30
N ILE B 281 -14.51 28.15 -10.89
CA ILE B 281 -13.26 27.76 -11.47
C ILE B 281 -13.17 26.25 -11.56
N PRO B 282 -13.52 25.70 -12.74
CA PRO B 282 -13.45 24.25 -12.88
C PRO B 282 -12.00 23.86 -12.72
N VAL B 283 -11.76 22.79 -11.98
CA VAL B 283 -10.41 22.33 -11.72
C VAL B 283 -10.39 20.80 -11.82
N SER B 284 -9.58 20.30 -12.73
CA SER B 284 -9.46 18.87 -12.96
C SER B 284 -8.58 18.22 -11.89
N MET B 285 -9.01 17.05 -11.42
CA MET B 285 -8.26 16.30 -10.43
C MET B 285 -8.07 14.87 -10.93
N SER B 286 -9.12 14.34 -11.56
CA SER B 286 -9.18 12.98 -12.12
C SER B 286 -8.01 12.04 -11.87
N GLU B 287 -6.82 12.39 -12.34
CA GLU B 287 -5.66 11.52 -12.14
C GLU B 287 -5.37 11.25 -10.65
N LEU B 288 -5.29 12.29 -9.84
CA LEU B 288 -5.02 12.11 -8.43
C LEU B 288 -6.22 11.50 -7.70
N GLU B 289 -7.37 11.54 -8.35
CA GLU B 289 -8.59 10.97 -7.79
C GLU B 289 -8.45 9.44 -7.79
N LYS B 290 -7.61 8.94 -8.69
CA LYS B 290 -7.39 7.50 -8.81
C LYS B 290 -6.75 6.95 -7.54
N VAL B 291 -6.08 7.84 -6.81
CA VAL B 291 -5.44 7.45 -5.57
C VAL B 291 -6.10 8.17 -4.39
N ASP B 292 -7.39 8.48 -4.57
CA ASP B 292 -8.21 9.13 -3.56
C ASP B 292 -7.83 10.56 -3.23
N GLY B 293 -7.21 11.24 -4.19
CA GLY B 293 -6.79 12.61 -3.98
C GLY B 293 -7.77 13.59 -4.61
N LEU B 294 -8.43 14.36 -3.76
CA LEU B 294 -9.39 15.35 -4.22
C LEU B 294 -8.80 16.75 -4.17
N LEU B 295 -9.70 17.73 -4.21
CA LEU B 295 -9.33 19.14 -4.20
C LEU B 295 -8.79 19.63 -2.88
N THR B 296 -9.51 19.39 -1.80
CA THR B 296 -9.06 19.85 -0.49
C THR B 296 -7.74 19.18 -0.11
N SER B 297 -7.58 17.93 -0.54
CA SER B 297 -6.40 17.12 -0.24
C SER B 297 -5.03 17.70 -0.58
N CYS B 298 -4.92 18.43 -1.69
CA CYS B 298 -3.61 18.94 -2.08
C CYS B 298 -3.11 20.26 -1.49
N SER B 299 -3.91 20.90 -0.66
CA SER B 299 -3.48 22.15 -0.07
C SER B 299 -3.96 22.33 1.33
N VAL B 300 -3.29 23.20 2.07
CA VAL B 300 -3.67 23.52 3.43
C VAL B 300 -3.70 25.04 3.36
N LEU B 301 -4.88 25.61 3.56
CA LEU B 301 -5.06 27.04 3.49
C LEU B 301 -4.83 27.74 4.80
N ILE B 302 -4.04 28.80 4.76
CA ILE B 302 -3.75 29.55 5.98
C ILE B 302 -4.11 31.01 5.77
N ASN B 303 -4.64 31.64 6.80
CA ASN B 303 -4.96 33.05 6.71
C ASN B 303 -3.99 33.68 7.68
N LYS B 304 -3.17 34.59 7.18
CA LYS B 304 -2.19 35.22 8.05
C LYS B 304 -2.35 36.74 8.01
N LYS B 305 -2.98 37.28 9.04
CA LYS B 305 -3.25 38.70 9.19
C LYS B 305 -1.97 39.57 9.27
C LN6 C . 5.03 -16.99 8.95
N LN6 C . 4.28 -14.67 8.85
CA LN6 C . 4.50 -15.87 8.05
CB LN6 C . 5.50 -15.57 6.94
CD LN6 C . 6.39 -16.31 4.69
NE LN6 C . 7.83 -16.29 4.98
CG LN6 C . 5.57 -16.72 5.91
CZ LN6 C . 8.51 -17.41 5.22
OA1 LN6 C . 5.08 -18.14 8.46
OA2 LN6 C . 5.36 -16.67 10.11
CH1 LN6 C . 10.01 -17.35 5.52
NH2 LN6 C . 7.90 -18.59 5.15
CI1 LN6 C . 10.64 -17.81 3.13
CK1 LN6 C . 11.45 -17.33 1.92
CT1 LN6 C . 10.80 -16.85 4.31
C LN6 D . -4.09 8.45 0.79
N LN6 D . -3.91 8.41 -1.66
CA LN6 D . -3.89 9.28 -0.48
CB LN6 D . -4.97 10.35 -0.59
CD LN6 D . -5.85 12.51 0.39
NE LN6 D . -7.25 12.11 0.15
CG LN6 D . -4.97 11.27 0.63
CZ LN6 D . -8.01 11.62 1.12
OA1 LN6 D . -3.43 8.79 1.80
OA2 LN6 D . -4.88 7.48 0.71
CH1 LN6 D . -9.45 11.22 0.81
NH2 LN6 D . -7.54 11.49 2.35
CI1 LN6 D . -10.21 13.57 1.35
CK1 LN6 D . -11.04 14.77 0.88
CT1 LN6 D . -10.25 12.43 0.33
#